data_7LSQ
#
_entry.id   7LSQ
#
_cell.length_a   36.766
_cell.length_b   54.99
_cell.length_c   69.805
_cell.angle_alpha   109.338
_cell.angle_beta   97.797
_cell.angle_gamma   102.603
#
_symmetry.space_group_name_H-M   'P 1'
#
loop_
_entity.id
_entity.type
_entity.pdbx_description
1 polymer 'Retinol-binding protein 2'
2 non-polymer 'ACETATE ION'
3 non-polymer 4-{5-[(2E)-but-2-en-2-yl]thiophen-2-yl}-N,N-dimethylaniline
4 water water
#
_entity_poly.entity_id   1
_entity_poly.type   'polypeptide(L)'
_entity_poly.pdbx_seq_one_letter_code
;TRDFNGTWEMESNENFEGWMKALDIDFATRKIAVRLTFTEVIDQDGDNFKTKATSTFWNYDVDFTVGVEFDEYTKSLDNR
HVKALVTWEGDVLVCVQKGEKENRGWKKWIEGDKLYLELTCGDQVCRQVFKKK
;
_entity_poly.pdbx_strand_id   A,B,C,D
#
loop_
_chem_comp.id
_chem_comp.type
_chem_comp.name
_chem_comp.formula
ACT non-polymer 'ACETATE ION' 'C2 H3 O2 -1'
ZFG non-polymer 4-{5-[(2E)-but-2-en-2-yl]thiophen-2-yl}-N,N-dimethylaniline 'C16 H19 N S'
#
# COMPACT_ATOMS: atom_id res chain seq x y z
N THR A 1 -28.90 -10.08 -2.14
CA THR A 1 -28.60 -8.86 -1.38
C THR A 1 -27.10 -8.66 -1.25
N ARG A 2 -26.69 -7.38 -1.22
CA ARG A 2 -25.28 -7.04 -1.02
C ARG A 2 -25.10 -6.23 0.27
N ASP A 3 -26.06 -6.33 1.18
CA ASP A 3 -26.01 -5.54 2.42
C ASP A 3 -25.61 -6.38 3.62
N PHE A 4 -24.37 -6.18 4.05
CA PHE A 4 -23.78 -6.99 5.11
C PHE A 4 -23.79 -6.26 6.45
N ASN A 5 -24.46 -5.09 6.49
CA ASN A 5 -24.56 -4.32 7.73
C ASN A 5 -25.16 -5.11 8.89
N GLY A 6 -24.56 -4.98 10.07
CA GLY A 6 -25.16 -5.57 11.25
C GLY A 6 -24.17 -6.11 12.24
N THR A 7 -24.73 -6.64 13.31
CA THR A 7 -23.99 -7.37 14.32
C THR A 7 -24.38 -8.83 14.10
N TRP A 8 -23.37 -9.66 13.88
CA TRP A 8 -23.58 -11.05 13.47
C TRP A 8 -22.98 -12.00 14.51
N GLU A 9 -23.80 -12.93 15.00
CA GLU A 9 -23.39 -13.88 16.04
C GLU A 9 -23.15 -15.26 15.46
N MET A 10 -21.95 -15.79 15.66
CA MET A 10 -21.61 -17.13 15.17
C MET A 10 -22.61 -18.20 15.63
N GLU A 11 -23.12 -18.98 14.70
CA GLU A 11 -23.93 -20.13 15.09
C GLU A 11 -23.32 -21.47 14.63
N SER A 12 -22.40 -21.43 13.68
CA SER A 12 -21.78 -22.64 13.15
C SER A 12 -20.35 -22.35 12.72
N ASN A 13 -19.43 -23.30 12.96
CA ASN A 13 -18.01 -23.10 12.64
C ASN A 13 -17.39 -24.45 12.29
N GLU A 14 -16.96 -24.60 11.05
CA GLU A 14 -16.47 -25.87 10.53
C GLU A 14 -15.02 -25.76 10.07
N ASN A 15 -14.19 -26.66 10.58
CA ASN A 15 -12.78 -26.76 10.23
C ASN A 15 -11.99 -25.47 10.52
N PHE A 16 -12.36 -24.77 11.58
CA PHE A 16 -11.62 -23.58 12.02
C PHE A 16 -10.17 -24.00 12.32
N GLU A 17 -10.05 -25.21 12.85
CA GLU A 17 -8.75 -25.77 13.23
C GLU A 17 -7.83 -25.96 12.02
N GLY A 18 -8.39 -26.52 10.95
CA GLY A 18 -7.60 -26.81 9.75
C GLY A 18 -7.11 -25.53 9.10
N TRP A 19 -7.98 -24.53 9.08
CA TRP A 19 -7.66 -23.23 8.49
C TRP A 19 -6.53 -22.55 9.29
N MET A 20 -6.67 -22.50 10.61
CA MET A 20 -5.64 -21.86 11.44
C MET A 20 -4.30 -22.57 11.32
N LYS A 21 -4.35 -23.89 11.23
CA LYS A 21 -3.15 -24.68 11.11
C LYS A 21 -2.47 -24.41 9.77
N ALA A 22 -3.29 -24.20 8.75
CA ALA A 22 -2.75 -23.88 7.42
C ALA A 22 -2.04 -22.53 7.47
N LEU A 23 -2.46 -21.67 8.38
CA LEU A 23 -1.81 -20.37 8.55
C LEU A 23 -0.64 -20.37 9.52
N ASP A 24 -0.35 -21.54 10.08
CA ASP A 24 0.72 -21.73 11.06
C ASP A 24 0.47 -20.96 12.35
N ILE A 25 -0.80 -20.78 12.70
CA ILE A 25 -1.13 -20.25 14.03
C ILE A 25 -0.63 -21.27 15.06
N ASP A 26 -0.03 -20.80 16.14
CA ASP A 26 0.65 -21.70 17.07
C ASP A 26 -0.36 -22.61 17.75
N PHE A 27 0.07 -23.84 18.06
CA PHE A 27 -0.82 -24.87 18.56
C PHE A 27 -1.64 -24.42 19.77
N ALA A 28 -1.00 -23.74 20.71
CA ALA A 28 -1.68 -23.31 21.93
C ALA A 28 -2.77 -22.28 21.66
N THR A 29 -2.53 -21.40 20.69
CA THR A 29 -3.52 -20.41 20.35
C THR A 29 -4.70 -21.10 19.67
N ARG A 30 -4.41 -22.02 18.76
CA ARG A 30 -5.47 -22.78 18.11
C ARG A 30 -6.32 -23.54 19.13
N LYS A 31 -5.68 -24.05 20.17
CA LYS A 31 -6.37 -24.92 21.12
C LYS A 31 -7.47 -24.17 21.84
N ILE A 32 -7.21 -22.90 22.13
CA ILE A 32 -8.21 -22.07 22.80
C ILE A 32 -9.20 -21.50 21.79
N ALA A 33 -8.67 -20.95 20.69
CA ALA A 33 -9.51 -20.31 19.68
C ALA A 33 -10.62 -21.20 19.11
N VAL A 34 -10.32 -22.47 18.90
CA VAL A 34 -11.28 -23.38 18.32
C VAL A 34 -12.49 -23.61 19.25
N ARG A 35 -12.34 -23.22 20.51
CA ARG A 35 -13.43 -23.38 21.49
C ARG A 35 -14.44 -22.25 21.47
N LEU A 36 -14.01 -21.09 20.99
CA LEU A 36 -14.71 -19.84 21.24
C LEU A 36 -15.78 -19.44 20.22
N THR A 37 -16.79 -18.74 20.71
CA THR A 37 -17.79 -18.09 19.85
C THR A 37 -17.28 -16.72 19.42
N PHE A 38 -17.45 -16.39 18.13
CA PHE A 38 -17.05 -15.08 17.62
C PHE A 38 -18.27 -14.23 17.26
N THR A 39 -18.13 -12.92 17.40
CA THR A 39 -19.13 -11.98 16.89
C THR A 39 -18.50 -11.06 15.88
N GLU A 40 -19.22 -10.80 14.81
CA GLU A 40 -18.72 -9.95 13.73
C GLU A 40 -19.62 -8.73 13.56
N VAL A 41 -19.06 -7.53 13.70
CA VAL A 41 -19.83 -6.31 13.51
C VAL A 41 -19.38 -5.66 12.21
N ILE A 42 -20.29 -5.47 11.28
CA ILE A 42 -19.94 -4.92 9.98
C ILE A 42 -20.64 -3.58 9.78
N ASP A 43 -19.85 -2.56 9.45
CA ASP A 43 -20.41 -1.27 9.08
C ASP A 43 -20.08 -1.07 7.61
N GLN A 44 -21.11 -0.98 6.77
CA GLN A 44 -20.93 -0.93 5.34
C GLN A 44 -21.66 0.27 4.76
N ASP A 45 -20.92 1.07 4.01
CA ASP A 45 -21.51 2.22 3.33
C ASP A 45 -20.98 2.25 1.90
N GLY A 46 -21.78 1.76 0.97
CA GLY A 46 -21.32 1.58 -0.40
C GLY A 46 -20.15 0.61 -0.45
N ASP A 47 -19.01 1.09 -0.97
CA ASP A 47 -17.82 0.26 -1.05
C ASP A 47 -17.06 0.17 0.24
N ASN A 48 -17.37 1.06 1.18
CA ASN A 48 -16.55 1.23 2.38
C ASN A 48 -17.00 0.29 3.48
N PHE A 49 -16.12 -0.64 3.86
CA PHE A 49 -16.42 -1.58 4.95
C PHE A 49 -15.55 -1.33 6.16
N LYS A 50 -16.15 -1.38 7.34
CA LYS A 50 -15.39 -1.47 8.58
C LYS A 50 -15.91 -2.69 9.33
N THR A 51 -15.03 -3.62 9.63
CA THR A 51 -15.43 -4.87 10.26
C THR A 51 -14.62 -5.12 11.53
N LYS A 52 -15.25 -5.74 12.50
CA LYS A 52 -14.60 -5.99 13.79
C LYS A 52 -15.07 -7.34 14.29
N ALA A 53 -14.14 -8.27 14.41
CA ALA A 53 -14.44 -9.57 14.99
C ALA A 53 -13.98 -9.55 16.44
N THR A 54 -14.81 -10.10 17.32
CA THR A 54 -14.49 -10.14 18.74
C THR A 54 -14.79 -11.51 19.31
N SER A 55 -13.95 -11.94 20.23
CA SER A 55 -14.21 -13.11 21.05
C SER A 55 -13.72 -12.71 22.43
N THR A 56 -13.85 -13.61 23.40
CA THR A 56 -13.39 -13.34 24.75
C THR A 56 -11.93 -12.93 24.77
N PHE A 57 -11.12 -13.58 23.94
CA PHE A 57 -9.66 -13.39 24.03
C PHE A 57 -9.03 -12.68 22.85
N TRP A 58 -9.67 -12.72 21.69
CA TRP A 58 -9.05 -12.13 20.51
C TRP A 58 -10.00 -11.23 19.74
N ASN A 59 -9.42 -10.18 19.17
CA ASN A 59 -10.09 -9.26 18.26
C ASN A 59 -9.37 -9.22 16.93
N TYR A 60 -10.12 -8.99 15.85
CA TYR A 60 -9.49 -8.83 14.54
C TYR A 60 -10.33 -7.85 13.76
N ASP A 61 -9.77 -6.68 13.51
CA ASP A 61 -10.44 -5.62 12.77
C ASP A 61 -9.84 -5.44 11.40
N VAL A 62 -10.68 -5.20 10.40
CA VAL A 62 -10.15 -4.81 9.11
C VAL A 62 -11.12 -3.88 8.40
N ASP A 63 -10.58 -2.80 7.84
CA ASP A 63 -11.35 -1.87 7.03
C ASP A 63 -10.85 -1.93 5.60
N PHE A 64 -11.76 -1.83 4.66
CA PHE A 64 -11.36 -1.85 3.28
C PHE A 64 -12.41 -1.17 2.42
N THR A 65 -11.98 -0.78 1.23
CA THR A 65 -12.87 -0.28 0.20
C THR A 65 -12.94 -1.31 -0.92
N VAL A 66 -14.14 -1.80 -1.23
CA VAL A 66 -14.32 -2.72 -2.36
C VAL A 66 -13.69 -2.13 -3.62
N GLY A 67 -12.87 -2.93 -4.32
CA GLY A 67 -12.27 -2.47 -5.57
C GLY A 67 -10.94 -1.75 -5.43
N VAL A 68 -10.48 -1.59 -4.19
CA VAL A 68 -9.24 -0.87 -3.93
C VAL A 68 -8.21 -1.75 -3.25
N GLU A 69 -7.11 -2.06 -3.94
CA GLU A 69 -6.08 -2.92 -3.35
C GLU A 69 -5.46 -2.27 -2.11
N PHE A 70 -5.15 -3.09 -1.11
CA PHE A 70 -4.50 -2.52 0.06
C PHE A 70 -3.48 -3.50 0.59
N ASP A 71 -2.31 -2.97 0.95
CA ASP A 71 -1.28 -3.78 1.56
C ASP A 71 -1.65 -4.05 2.98
N GLU A 72 -1.49 -5.29 3.38
CA GLU A 72 -1.97 -5.72 4.65
C GLU A 72 -0.85 -6.41 5.40
N TYR A 73 -0.77 -6.10 6.67
CA TYR A 73 0.12 -6.85 7.52
C TYR A 73 -0.74 -7.50 8.59
N THR A 74 -0.81 -8.83 8.60
CA THR A 74 -1.80 -9.50 9.41
C THR A 74 -1.36 -9.70 10.89
N LYS A 75 -1.04 -8.60 11.57
CA LYS A 75 -0.49 -8.61 12.94
C LYS A 75 -1.05 -9.65 13.91
N SER A 76 -2.35 -9.56 14.17
CA SER A 76 -2.94 -10.36 15.23
C SER A 76 -3.49 -11.68 14.72
N LEU A 77 -3.00 -12.12 13.56
CA LEU A 77 -3.33 -13.43 13.06
C LEU A 77 -2.01 -14.19 12.84
N ASP A 78 -1.46 -14.19 11.61
CA ASP A 78 -0.23 -14.94 11.35
C ASP A 78 1.00 -14.07 11.06
N ASN A 79 0.86 -12.75 11.25
CA ASN A 79 1.98 -11.81 11.09
C ASN A 79 2.68 -11.89 9.75
N ARG A 80 1.91 -11.83 8.66
CA ARG A 80 2.49 -11.85 7.34
C ARG A 80 2.07 -10.61 6.57
N HIS A 81 2.87 -10.26 5.56
CA HIS A 81 2.53 -9.22 4.58
C HIS A 81 1.79 -9.84 3.40
N VAL A 82 0.62 -9.33 3.09
CA VAL A 82 -0.09 -9.75 1.88
C VAL A 82 -0.62 -8.54 1.12
N LYS A 83 -0.90 -8.71 -0.16
CA LYS A 83 -1.64 -7.67 -0.89
C LYS A 83 -3.10 -8.09 -1.05
N ALA A 84 -3.98 -7.30 -0.46
CA ALA A 84 -5.37 -7.71 -0.31
C ALA A 84 -6.27 -6.95 -1.27
N LEU A 85 -7.29 -7.64 -1.76
CA LEU A 85 -8.25 -7.03 -2.67
C LEU A 85 -9.62 -7.67 -2.47
N VAL A 86 -10.63 -6.84 -2.22
CA VAL A 86 -12.01 -7.31 -2.04
C VAL A 86 -12.86 -6.81 -3.19
N THR A 87 -13.57 -7.74 -3.85
CA THR A 87 -14.39 -7.39 -5.00
C THR A 87 -15.69 -8.18 -4.96
N TRP A 88 -16.63 -7.82 -5.84
CA TRP A 88 -17.88 -8.56 -5.96
C TRP A 88 -17.82 -9.59 -7.08
N GLU A 89 -18.29 -10.79 -6.77
CA GLU A 89 -18.70 -11.75 -7.80
C GLU A 89 -20.19 -11.97 -7.60
N GLY A 90 -21.01 -11.28 -8.39
CA GLY A 90 -22.44 -11.29 -8.17
C GLY A 90 -22.70 -10.74 -6.78
N ASP A 91 -23.41 -11.52 -5.97
CA ASP A 91 -23.74 -11.10 -4.62
C ASP A 91 -22.72 -11.62 -3.60
N VAL A 92 -21.67 -12.29 -4.06
CA VAL A 92 -20.63 -12.81 -3.16
C VAL A 92 -19.47 -11.81 -3.05
N LEU A 93 -19.11 -11.46 -1.82
CA LEU A 93 -17.97 -10.58 -1.57
C LEU A 93 -16.72 -11.42 -1.44
N VAL A 94 -15.75 -11.18 -2.30
CA VAL A 94 -14.57 -12.05 -2.42
C VAL A 94 -13.27 -11.32 -2.10
N CYS A 95 -12.50 -11.89 -1.18
CA CYS A 95 -11.19 -11.37 -0.85
C CYS A 95 -10.09 -12.30 -1.28
N VAL A 96 -9.12 -11.76 -2.01
CA VAL A 96 -7.90 -12.50 -2.27
CA VAL A 96 -7.89 -12.47 -2.32
C VAL A 96 -6.72 -11.78 -1.60
N GLN A 97 -5.91 -12.57 -0.92
CA GLN A 97 -4.71 -12.07 -0.24
C GLN A 97 -3.49 -12.73 -0.88
N LYS A 98 -2.82 -11.97 -1.75
CA LYS A 98 -1.65 -12.46 -2.46
C LYS A 98 -0.43 -12.43 -1.57
N GLY A 99 0.32 -13.53 -1.53
CA GLY A 99 1.49 -13.64 -0.67
C GLY A 99 2.02 -15.05 -0.60
N GLU A 100 2.63 -15.39 0.53
CA GLU A 100 3.27 -16.69 0.69
C GLU A 100 2.30 -17.86 0.49
N LYS A 101 1.10 -17.74 1.06
CA LYS A 101 0.13 -18.81 1.03
C LYS A 101 -0.71 -18.77 -0.23
N GLU A 102 -0.87 -19.94 -0.87
CA GLU A 102 -1.74 -20.05 -2.03
C GLU A 102 -3.21 -20.14 -1.62
N ASN A 103 -4.10 -19.78 -2.54
CA ASN A 103 -5.55 -19.83 -2.30
C ASN A 103 -5.97 -19.17 -0.99
N ARG A 104 -5.28 -18.09 -0.62
CA ARG A 104 -5.56 -17.41 0.64
C ARG A 104 -6.56 -16.28 0.48
N GLY A 105 -7.61 -16.32 1.27
CA GLY A 105 -8.58 -15.23 1.25
C GLY A 105 -9.88 -15.67 1.88
N TRP A 106 -10.98 -15.08 1.42
CA TRP A 106 -12.31 -15.45 1.92
C TRP A 106 -13.44 -15.04 1.02
N LYS A 107 -14.62 -15.56 1.33
CA LYS A 107 -15.83 -15.19 0.62
CA LYS A 107 -15.84 -15.20 0.62
C LYS A 107 -16.95 -15.01 1.63
N LYS A 108 -17.74 -13.97 1.46
CA LYS A 108 -18.91 -13.74 2.31
C LYS A 108 -20.16 -13.56 1.46
N TRP A 109 -21.27 -14.10 1.95
CA TRP A 109 -22.56 -13.85 1.33
C TRP A 109 -23.69 -13.99 2.32
N ILE A 110 -24.86 -13.48 1.95
CA ILE A 110 -26.06 -13.64 2.75
C ILE A 110 -27.02 -14.60 2.05
N GLU A 111 -27.56 -15.58 2.78
CA GLU A 111 -28.72 -16.27 2.24
C GLU A 111 -29.81 -16.32 3.31
N GLY A 112 -30.94 -15.70 2.98
CA GLY A 112 -32.02 -15.50 3.93
C GLY A 112 -31.68 -14.37 4.89
N ASP A 113 -31.54 -14.72 6.16
CA ASP A 113 -31.23 -13.74 7.19
C ASP A 113 -29.85 -13.98 7.80
N LYS A 114 -29.08 -14.88 7.17
CA LYS A 114 -27.82 -15.33 7.76
C LYS A 114 -26.60 -14.92 6.95
N LEU A 115 -25.49 -14.67 7.64
CA LEU A 115 -24.21 -14.39 6.99
C LEU A 115 -23.35 -15.66 6.89
N TYR A 116 -22.90 -15.96 5.67
CA TYR A 116 -22.02 -17.09 5.40
C TYR A 116 -20.60 -16.63 5.09
N LEU A 117 -19.62 -17.24 5.73
CA LEU A 117 -18.23 -16.90 5.53
C LEU A 117 -17.42 -18.15 5.19
N GLU A 118 -16.68 -18.09 4.09
CA GLU A 118 -15.77 -19.15 3.75
C GLU A 118 -14.35 -18.61 3.87
N LEU A 119 -13.52 -19.20 4.73
CA LEU A 119 -12.13 -18.78 4.91
C LEU A 119 -11.22 -19.79 4.25
N THR A 120 -10.30 -19.34 3.41
CA THR A 120 -9.47 -20.30 2.69
C THR A 120 -7.97 -20.03 2.85
N CYS A 121 -7.21 -21.11 2.89
CA CYS A 121 -5.76 -21.06 2.93
C CYS A 121 -5.23 -22.40 2.46
N GLY A 122 -4.43 -22.41 1.39
CA GLY A 122 -3.89 -23.66 0.88
C GLY A 122 -5.01 -24.60 0.47
N ASP A 123 -5.03 -25.80 1.03
CA ASP A 123 -6.09 -26.73 0.68
C ASP A 123 -7.16 -26.78 1.75
N GLN A 124 -7.15 -25.82 2.67
CA GLN A 124 -8.09 -25.86 3.80
C GLN A 124 -9.19 -24.83 3.62
N VAL A 125 -10.42 -25.24 3.90
CA VAL A 125 -11.55 -24.31 3.92
C VAL A 125 -12.26 -24.38 5.26
N CYS A 126 -12.44 -23.23 5.89
CA CYS A 126 -13.26 -23.13 7.09
C CYS A 126 -14.57 -22.44 6.72
N ARG A 127 -15.69 -23.00 7.17
CA ARG A 127 -16.99 -22.43 6.86
CA ARG A 127 -16.99 -22.45 6.87
C ARG A 127 -17.68 -21.98 8.13
N GLN A 128 -18.15 -20.74 8.13
CA GLN A 128 -18.84 -20.20 9.30
C GLN A 128 -20.20 -19.62 8.91
N VAL A 129 -21.15 -19.67 9.84
CA VAL A 129 -22.48 -19.11 9.60
C VAL A 129 -22.83 -18.27 10.81
N PHE A 130 -23.31 -17.06 10.56
CA PHE A 130 -23.71 -16.13 11.63
C PHE A 130 -25.19 -15.75 11.51
N LYS A 131 -25.84 -15.59 12.65
CA LYS A 131 -27.21 -15.10 12.65
C LYS A 131 -27.21 -13.62 13.02
N LYS A 132 -28.11 -12.88 12.41
CA LYS A 132 -28.19 -11.46 12.66
C LYS A 132 -28.73 -11.19 14.06
N LYS A 133 -28.05 -10.32 14.80
CA LYS A 133 -28.49 -9.92 16.12
C LYS A 133 -29.37 -8.67 16.04
N THR B 1 -7.50 1.53 13.48
CA THR B 1 -7.49 2.90 13.98
C THR B 1 -6.06 3.43 14.05
N ARG B 2 -5.87 4.68 13.64
CA ARG B 2 -4.59 5.36 13.82
C ARG B 2 -4.61 6.23 15.08
N ASP B 3 -5.64 6.06 15.90
CA ASP B 3 -5.76 6.85 17.14
C ASP B 3 -5.35 6.01 18.34
N PHE B 4 -4.15 6.29 18.87
CA PHE B 4 -3.59 5.54 19.97
C PHE B 4 -3.80 6.23 21.32
N ASN B 5 -4.56 7.33 21.33
CA ASN B 5 -4.83 8.05 22.59
C ASN B 5 -5.43 7.16 23.67
N GLY B 6 -4.99 7.38 24.90
CA GLY B 6 -5.65 6.75 26.03
C GLY B 6 -4.71 6.25 27.10
N THR B 7 -5.32 5.66 28.13
CA THR B 7 -4.59 4.99 29.21
C THR B 7 -4.76 3.51 28.98
N TRP B 8 -3.65 2.81 28.85
CA TRP B 8 -3.63 1.42 28.45
C TRP B 8 -2.98 0.54 29.52
N GLU B 9 -3.72 -0.45 29.99
CA GLU B 9 -3.22 -1.26 31.12
C GLU B 9 -2.75 -2.61 30.66
N MET B 10 -1.56 -3.03 31.08
CA MET B 10 -0.96 -4.26 30.55
C MET B 10 -1.78 -5.51 30.85
N GLU B 11 -2.06 -6.32 29.84
CA GLU B 11 -2.79 -7.58 30.03
C GLU B 11 -1.86 -8.78 29.98
N SER B 12 -0.94 -8.74 29.03
CA SER B 12 0.01 -9.83 28.85
C SER B 12 1.37 -9.28 28.44
N ASN B 13 2.40 -10.08 28.70
CA ASN B 13 3.77 -9.69 28.41
C ASN B 13 4.59 -10.94 28.12
N GLU B 14 4.75 -11.27 26.84
CA GLU B 14 5.43 -12.49 26.43
C GLU B 14 6.88 -12.25 26.01
N ASN B 15 7.79 -13.04 26.58
CA ASN B 15 9.23 -12.98 26.30
C ASN B 15 9.85 -11.63 26.64
N PHE B 16 9.30 -10.95 27.65
CA PHE B 16 9.89 -9.72 28.16
C PHE B 16 11.35 -9.99 28.57
N GLU B 17 11.60 -11.09 29.27
CA GLU B 17 12.97 -11.37 29.75
C GLU B 17 13.95 -11.57 28.58
N GLY B 18 13.52 -12.27 27.54
CA GLY B 18 14.39 -12.49 26.39
C GLY B 18 14.78 -11.19 25.69
N TRP B 19 13.82 -10.29 25.56
CA TRP B 19 14.08 -8.99 24.93
C TRP B 19 15.03 -8.18 25.81
N MET B 20 14.81 -8.20 27.13
CA MET B 20 15.72 -7.47 28.01
C MET B 20 17.14 -8.04 27.97
N LYS B 21 17.26 -9.36 27.89
CA LYS B 21 18.58 -10.00 27.82
C LYS B 21 19.29 -9.59 26.53
N ALA B 22 18.53 -9.45 25.46
CA ALA B 22 19.09 -8.97 24.19
C ALA B 22 19.71 -7.57 24.34
N LEU B 23 19.15 -6.77 25.24
CA LEU B 23 19.66 -5.42 25.51
C LEU B 23 20.73 -5.39 26.59
N ASP B 24 21.05 -6.57 27.12
CA ASP B 24 22.08 -6.75 28.14
C ASP B 24 21.72 -6.10 29.48
N ILE B 25 20.42 -6.02 29.75
CA ILE B 25 19.95 -5.59 31.06
C ILE B 25 20.34 -6.67 32.09
N ASP B 26 20.83 -6.25 33.25
CA ASP B 26 21.35 -7.19 34.25
C ASP B 26 20.26 -8.03 34.91
N PHE B 27 20.68 -9.12 35.53
CA PHE B 27 19.79 -10.13 36.07
C PHE B 27 18.80 -9.53 37.07
N ALA B 28 19.31 -8.77 38.04
CA ALA B 28 18.44 -8.25 39.10
C ALA B 28 17.37 -7.32 38.55
N THR B 29 17.75 -6.40 37.67
CA THR B 29 16.77 -5.53 37.04
C THR B 29 15.73 -6.32 36.26
N ARG B 30 16.18 -7.27 35.42
CA ARG B 30 15.26 -8.14 34.68
C ARG B 30 14.32 -8.88 35.60
N LYS B 31 14.86 -9.45 36.67
CA LYS B 31 14.07 -10.32 37.50
C LYS B 31 12.97 -9.55 38.21
N ILE B 32 13.23 -8.28 38.53
CA ILE B 32 12.18 -7.44 39.09
C ILE B 32 11.20 -6.99 37.99
N ALA B 33 11.73 -6.54 36.84
CA ALA B 33 10.88 -5.99 35.80
C ALA B 33 9.86 -6.96 35.24
N VAL B 34 10.22 -8.24 35.19
CA VAL B 34 9.31 -9.23 34.62
CA VAL B 34 9.33 -9.27 34.65
C VAL B 34 8.07 -9.41 35.51
N ARG B 35 8.16 -8.97 36.77
CA ARG B 35 7.02 -9.10 37.69
C ARG B 35 5.97 -7.97 37.55
N LEU B 36 6.37 -6.85 36.94
CA LEU B 36 5.57 -5.63 37.07
C LEU B 36 4.44 -5.47 36.07
N THR B 37 3.34 -4.87 36.54
CA THR B 37 2.24 -4.45 35.67
C THR B 37 2.55 -3.05 35.12
N PHE B 38 2.58 -2.92 33.81
CA PHE B 38 2.86 -1.61 33.21
C PHE B 38 1.59 -0.94 32.74
N THR B 39 1.61 0.39 32.77
CA THR B 39 0.54 1.19 32.17
C THR B 39 1.16 2.16 31.17
N GLU B 40 0.57 2.24 29.98
CA GLU B 40 1.06 3.13 28.94
C GLU B 40 0.03 4.23 28.72
N VAL B 41 0.46 5.48 28.86
CA VAL B 41 -0.42 6.60 28.61
C VAL B 41 0.04 7.30 27.33
N ILE B 42 -0.85 7.42 26.35
CA ILE B 42 -0.47 8.03 25.09
C ILE B 42 -1.30 9.29 24.87
N ASP B 43 -0.62 10.39 24.60
CA ASP B 43 -1.22 11.65 24.17
C ASP B 43 -0.80 11.84 22.72
N GLN B 44 -1.76 11.77 21.79
CA GLN B 44 -1.44 11.85 20.36
C GLN B 44 -2.22 13.01 19.72
N ASP B 45 -1.49 13.92 19.07
CA ASP B 45 -2.08 15.04 18.35
C ASP B 45 -1.38 15.17 17.01
N GLY B 46 -2.05 14.73 15.96
CA GLY B 46 -1.44 14.68 14.64
C GLY B 46 -0.20 13.80 14.69
N ASP B 47 0.93 14.35 14.29
CA ASP B 47 2.19 13.61 14.31
C ASP B 47 2.81 13.54 15.68
N ASN B 48 2.34 14.39 16.58
CA ASN B 48 3.04 14.57 17.86
C ASN B 48 2.55 13.61 18.91
N PHE B 49 3.50 12.82 19.42
CA PHE B 49 3.21 11.80 20.43
C PHE B 49 3.92 12.15 21.71
N LYS B 50 3.18 12.08 22.81
CA LYS B 50 3.78 12.14 24.13
C LYS B 50 3.38 10.86 24.86
N THR B 51 4.37 10.05 25.25
CA THR B 51 4.08 8.75 25.84
C THR B 51 4.82 8.53 27.15
N LYS B 52 4.17 7.83 28.06
CA LYS B 52 4.75 7.55 29.37
C LYS B 52 4.39 6.13 29.76
N ALA B 53 5.41 5.28 29.90
CA ALA B 53 5.21 3.92 30.36
C ALA B 53 5.54 3.89 31.84
N THR B 54 4.58 3.46 32.66
CA THR B 54 4.77 3.58 34.10
C THR B 54 4.59 2.24 34.81
N SER B 55 5.30 2.09 35.92
CA SER B 55 5.14 0.93 36.78
C SER B 55 5.48 1.34 38.19
N THR B 56 5.33 0.42 39.13
CA THR B 56 5.54 0.78 40.52
C THR B 56 7.02 1.06 40.79
N PHE B 57 7.89 0.68 39.85
CA PHE B 57 9.32 0.86 40.01
C PHE B 57 9.97 1.68 38.88
N TRP B 58 9.97 1.14 37.66
CA TRP B 58 10.61 1.81 36.53
C TRP B 58 9.63 2.60 35.67
N ASN B 59 10.16 3.66 35.05
CA ASN B 59 9.38 4.45 34.11
C ASN B 59 10.22 4.80 32.89
N TYR B 60 9.55 5.05 31.77
CA TYR B 60 10.22 5.30 30.51
C TYR B 60 9.38 6.25 29.66
N ASP B 61 9.77 7.52 29.64
CA ASP B 61 9.04 8.56 28.94
C ASP B 61 9.66 8.84 27.59
N VAL B 62 8.84 8.95 26.55
CA VAL B 62 9.42 9.35 25.27
C VAL B 62 8.41 10.11 24.42
N ASP B 63 8.87 11.24 23.89
CA ASP B 63 8.06 12.06 22.99
C ASP B 63 8.69 12.03 21.61
N PHE B 64 7.85 12.02 20.59
CA PHE B 64 8.38 12.04 19.23
C PHE B 64 7.40 12.61 18.24
N THR B 65 7.92 13.02 17.10
CA THR B 65 7.09 13.44 15.99
C THR B 65 7.18 12.41 14.86
N VAL B 66 6.04 11.85 14.48
CA VAL B 66 6.01 10.89 13.38
C VAL B 66 6.65 11.52 12.13
N GLY B 67 7.53 10.77 11.49
CA GLY B 67 8.18 11.20 10.26
C GLY B 67 9.43 12.03 10.43
N VAL B 68 9.88 12.22 11.67
CA VAL B 68 11.02 13.09 11.96
C VAL B 68 12.07 12.30 12.74
N GLU B 69 13.21 12.05 12.11
CA GLU B 69 14.28 11.30 12.79
C GLU B 69 14.76 12.08 14.00
N PHE B 70 15.02 11.37 15.10
CA PHE B 70 15.51 12.02 16.30
C PHE B 70 16.56 11.17 16.98
N ASP B 71 17.58 11.84 17.48
CA ASP B 71 18.64 11.21 18.25
C ASP B 71 18.11 10.93 19.64
N GLU B 72 18.47 9.77 20.14
CA GLU B 72 17.88 9.26 21.36
CA GLU B 72 17.88 9.29 21.38
C GLU B 72 18.93 8.65 22.27
N TYR B 73 18.83 8.93 23.57
CA TYR B 73 19.59 8.20 24.58
C TYR B 73 18.59 7.38 25.37
N THR B 74 18.82 6.07 25.48
CA THR B 74 17.77 5.19 26.00
C THR B 74 17.83 5.16 27.53
N LYS B 75 18.58 6.12 28.08
CA LYS B 75 18.58 6.46 29.52
C LYS B 75 18.55 5.28 30.47
N SER B 76 17.46 5.11 31.21
CA SER B 76 17.42 4.09 32.24
C SER B 76 17.23 2.67 31.71
N LEU B 77 16.92 2.54 30.42
CA LEU B 77 16.71 1.21 29.86
C LEU B 77 18.04 0.48 29.70
N ASP B 78 18.77 0.78 28.63
CA ASP B 78 20.08 0.17 28.39
C ASP B 78 21.18 1.21 28.10
N ASN B 79 20.89 2.49 28.36
CA ASN B 79 21.91 3.54 28.29
C ASN B 79 22.71 3.58 27.00
N ARG B 80 22.01 3.57 25.86
CA ARG B 80 22.67 3.61 24.56
C ARG B 80 22.20 4.77 23.71
N HIS B 81 23.05 5.19 22.77
CA HIS B 81 22.67 6.17 21.77
C HIS B 81 22.11 5.50 20.53
N VAL B 82 20.91 5.89 20.12
CA VAL B 82 20.33 5.44 18.85
C VAL B 82 19.73 6.58 18.02
N LYS B 83 19.53 6.30 16.74
CA LYS B 83 18.83 7.21 15.83
C LYS B 83 17.46 6.64 15.54
N ALA B 84 16.42 7.29 16.05
CA ALA B 84 15.08 6.72 16.04
C ALA B 84 14.21 7.39 15.00
N LEU B 85 13.30 6.62 14.45
CA LEU B 85 12.35 7.10 13.47
C LEU B 85 11.04 6.34 13.60
N VAL B 86 9.95 7.07 13.76
CA VAL B 86 8.63 6.47 13.87
C VAL B 86 7.77 6.86 12.68
N THR B 87 7.22 5.86 12.01
CA THR B 87 6.42 6.11 10.81
C THR B 87 5.20 5.19 10.77
N TRP B 88 4.31 5.45 9.82
CA TRP B 88 3.13 4.61 9.63
C TRP B 88 3.33 3.58 8.53
N GLU B 89 2.96 2.34 8.83
CA GLU B 89 2.81 1.29 7.81
C GLU B 89 1.36 0.87 7.88
N GLY B 90 0.52 1.45 7.03
CA GLY B 90 -0.92 1.28 7.18
C GLY B 90 -1.32 1.88 8.51
N ASP B 91 -1.96 1.10 9.37
CA ASP B 91 -2.35 1.59 10.68
CA ASP B 91 -2.35 1.59 10.68
C ASP B 91 -1.42 1.07 11.78
N VAL B 92 -0.31 0.45 11.37
CA VAL B 92 0.71 0.03 12.34
C VAL B 92 1.74 1.16 12.48
N LEU B 93 2.05 1.51 13.73
CA LEU B 93 3.06 2.52 14.02
C LEU B 93 4.38 1.80 14.22
N VAL B 94 5.38 2.15 13.42
CA VAL B 94 6.63 1.43 13.36
C VAL B 94 7.79 2.32 13.79
N CYS B 95 8.57 1.83 14.74
CA CYS B 95 9.77 2.53 15.17
C CYS B 95 10.99 1.71 14.86
N VAL B 96 11.96 2.34 14.17
CA VAL B 96 13.26 1.73 14.00
CA VAL B 96 13.26 1.73 14.00
C VAL B 96 14.30 2.56 14.75
N GLN B 97 15.12 1.88 15.54
CA GLN B 97 16.17 2.51 16.31
C GLN B 97 17.52 2.03 15.82
N LYS B 98 18.19 2.86 15.00
CA LYS B 98 19.51 2.52 14.46
C LYS B 98 20.63 2.72 15.48
N GLY B 99 21.50 1.74 15.61
CA GLY B 99 22.60 1.81 16.58
C GLY B 99 23.34 0.49 16.68
N GLU B 100 23.96 0.22 17.84
CA GLU B 100 24.73 -1.01 18.01
C GLU B 100 23.88 -2.28 17.88
N LYS B 101 22.71 -2.29 18.51
CA LYS B 101 21.84 -3.46 18.44
C LYS B 101 21.19 -3.63 17.06
N GLU B 102 21.11 -4.87 16.61
CA GLU B 102 20.46 -5.21 15.34
C GLU B 102 18.95 -5.37 15.52
N ASN B 103 18.19 -5.08 14.47
CA ASN B 103 16.74 -5.28 14.48
C ASN B 103 16.07 -4.65 15.70
N ARG B 104 16.51 -3.45 16.06
CA ARG B 104 16.00 -2.82 17.28
C ARG B 104 14.85 -1.85 16.97
N GLY B 105 13.74 -2.03 17.68
CA GLY B 105 12.64 -1.10 17.51
C GLY B 105 11.36 -1.66 18.08
N TRP B 106 10.24 -1.21 17.53
CA TRP B 106 8.94 -1.71 17.96
C TRP B 106 7.84 -1.43 16.95
N LYS B 107 6.72 -2.12 17.15
CA LYS B 107 5.54 -1.88 16.33
C LYS B 107 4.35 -1.82 17.27
N LYS B 108 3.44 -0.89 17.00
CA LYS B 108 2.24 -0.74 17.82
CA LYS B 108 2.24 -0.69 17.81
C LYS B 108 1.00 -0.75 16.94
N TRP B 109 -0.03 -1.49 17.35
CA TRP B 109 -1.29 -1.43 16.64
C TRP B 109 -2.47 -1.70 17.55
N ILE B 110 -3.68 -1.50 17.03
CA ILE B 110 -4.89 -1.63 17.85
C ILE B 110 -5.84 -2.64 17.25
N GLU B 111 -6.44 -3.48 18.12
CA GLU B 111 -7.51 -4.37 17.72
C GLU B 111 -8.61 -4.24 18.76
N GLY B 112 -9.76 -3.72 18.37
CA GLY B 112 -10.84 -3.53 19.31
C GLY B 112 -10.43 -2.58 20.43
N ASP B 113 -10.60 -3.02 21.67
CA ASP B 113 -10.17 -2.22 22.82
C ASP B 113 -8.79 -2.62 23.32
N LYS B 114 -7.96 -3.20 22.46
CA LYS B 114 -6.64 -3.62 22.93
C LYS B 114 -5.53 -2.99 22.11
N LEU B 115 -4.44 -2.66 22.81
CA LEU B 115 -3.24 -2.13 22.17
CA LEU B 115 -3.24 -2.13 22.18
C LEU B 115 -2.18 -3.21 22.17
N TYR B 116 -1.59 -3.44 21.01
CA TYR B 116 -0.57 -4.44 20.84
C TYR B 116 0.75 -3.75 20.62
N LEU B 117 1.77 -4.25 21.31
CA LEU B 117 3.11 -3.73 21.18
C LEU B 117 4.04 -4.90 20.96
N GLU B 118 4.82 -4.80 19.91
CA GLU B 118 5.83 -5.80 19.60
C GLU B 118 7.19 -5.12 19.71
N LEU B 119 7.99 -5.54 20.68
CA LEU B 119 9.33 -5.03 20.91
C LEU B 119 10.38 -5.97 20.32
N THR B 120 11.32 -5.44 19.53
CA THR B 120 12.32 -6.30 18.91
C THR B 120 13.74 -5.86 19.24
N CYS B 121 14.62 -6.84 19.43
CA CYS B 121 16.04 -6.56 19.59
C CYS B 121 16.79 -7.83 19.25
N GLY B 122 17.78 -7.74 18.35
CA GLY B 122 18.48 -8.93 17.89
C GLY B 122 17.49 -9.94 17.34
N ASP B 123 17.54 -11.17 17.85
CA ASP B 123 16.63 -12.24 17.42
C ASP B 123 15.48 -12.44 18.39
N GLN B 124 15.28 -11.46 19.28
CA GLN B 124 14.23 -11.57 20.28
C GLN B 124 13.04 -10.68 19.94
N VAL B 125 11.85 -11.22 20.18
CA VAL B 125 10.60 -10.48 20.06
C VAL B 125 9.80 -10.62 21.33
N CYS B 126 9.40 -9.48 21.89
CA CYS B 126 8.55 -9.45 23.08
C CYS B 126 7.19 -8.93 22.64
N ARG B 127 6.12 -9.61 23.04
CA ARG B 127 4.80 -9.13 22.64
C ARG B 127 4.01 -8.76 23.87
N GLN B 128 3.52 -7.53 23.87
CA GLN B 128 2.73 -7.02 24.98
C GLN B 128 1.35 -6.64 24.48
N VAL B 129 0.37 -6.80 25.35
CA VAL B 129 -1.01 -6.44 25.04
C VAL B 129 -1.56 -5.62 26.20
N PHE B 130 -2.20 -4.51 25.87
CA PHE B 130 -2.80 -3.62 26.86
C PHE B 130 -4.30 -3.51 26.58
N LYS B 131 -5.08 -3.26 27.63
CA LYS B 131 -6.49 -2.98 27.46
C LYS B 131 -6.76 -1.52 27.82
N LYS B 132 -7.57 -0.85 27.00
CA LYS B 132 -7.88 0.56 27.23
C LYS B 132 -8.69 0.74 28.48
N LYS B 133 -8.22 1.61 29.36
CA LYS B 133 -8.92 1.91 30.59
C LYS B 133 -10.01 2.92 30.32
N THR C 1 16.23 26.51 5.56
CA THR C 1 14.77 26.46 5.50
C THR C 1 14.31 25.07 5.08
N ARG C 2 13.08 24.72 5.44
CA ARG C 2 12.48 23.48 4.97
C ARG C 2 11.28 23.80 4.08
N ASP C 3 11.37 24.93 3.38
CA ASP C 3 10.31 25.36 2.50
C ASP C 3 10.62 25.00 1.06
N PHE C 4 9.95 23.96 0.59
CA PHE C 4 10.11 23.46 -0.76
C PHE C 4 9.04 23.99 -1.71
N ASN C 5 8.15 24.84 -1.22
CA ASN C 5 7.11 25.38 -2.11
C ASN C 5 7.68 26.18 -3.27
N GLY C 6 7.13 25.97 -4.46
CA GLY C 6 7.41 26.88 -5.55
C GLY C 6 7.67 26.20 -6.88
N THR C 7 8.06 27.02 -7.85
CA THR C 7 8.43 26.54 -9.17
C THR C 7 9.93 26.63 -9.24
N TRP C 8 10.55 25.50 -9.52
CA TRP C 8 12.00 25.39 -9.49
C TRP C 8 12.52 25.04 -10.89
N GLU C 9 13.39 25.88 -11.42
CA GLU C 9 13.89 25.70 -12.77
C GLU C 9 15.29 25.12 -12.73
N MET C 10 15.51 24.06 -13.49
CA MET C 10 16.78 23.36 -13.44
C MET C 10 17.95 24.23 -13.90
N GLU C 11 18.99 24.20 -13.08
CA GLU C 11 20.22 24.95 -13.28
C GLU C 11 21.36 24.02 -13.65
N SER C 12 21.35 22.81 -13.09
CA SER C 12 22.41 21.86 -13.36
CA SER C 12 22.45 21.88 -13.25
C SER C 12 21.93 20.44 -13.16
N ASN C 13 22.51 19.53 -13.94
CA ASN C 13 22.12 18.13 -13.91
C ASN C 13 23.36 17.28 -14.14
N GLU C 14 23.67 16.43 -13.18
CA GLU C 14 24.88 15.61 -13.18
C GLU C 14 24.54 14.13 -13.17
N ASN C 15 25.07 13.38 -14.13
CA ASN C 15 24.91 11.94 -14.22
C ASN C 15 23.44 11.48 -14.28
N PHE C 16 22.62 12.24 -14.99
CA PHE C 16 21.23 11.85 -15.23
C PHE C 16 21.17 10.50 -15.93
N GLU C 17 22.03 10.30 -16.93
CA GLU C 17 21.93 9.07 -17.73
C GLU C 17 22.38 7.84 -16.96
N GLY C 18 23.40 7.99 -16.11
CA GLY C 18 23.84 6.90 -15.26
C GLY C 18 22.71 6.39 -14.37
N TRP C 19 21.94 7.32 -13.82
CA TRP C 19 20.83 6.95 -12.95
C TRP C 19 19.70 6.31 -13.78
N MET C 20 19.40 6.86 -14.94
CA MET C 20 18.36 6.27 -15.78
C MET C 20 18.75 4.86 -16.21
N LYS C 21 20.04 4.66 -16.48
CA LYS C 21 20.52 3.35 -16.90
C LYS C 21 20.41 2.33 -15.78
N ALA C 22 20.68 2.77 -14.56
CA ALA C 22 20.54 1.89 -13.41
C ALA C 22 19.09 1.46 -13.25
N LEU C 23 18.16 2.29 -13.75
CA LEU C 23 16.74 1.99 -13.67
C LEU C 23 16.25 1.16 -14.86
N ASP C 24 17.17 0.91 -15.79
CA ASP C 24 16.89 0.12 -16.99
C ASP C 24 15.89 0.83 -17.89
N ILE C 25 15.98 2.16 -17.91
CA ILE C 25 15.18 2.95 -18.83
C ILE C 25 15.65 2.62 -20.24
N ASP C 26 14.71 2.40 -21.15
CA ASP C 26 15.09 1.98 -22.49
C ASP C 26 15.90 3.07 -23.21
N PHE C 27 16.68 2.63 -24.19
CA PHE C 27 17.66 3.48 -24.87
C PHE C 27 17.08 4.76 -25.47
N ALA C 28 16.00 4.65 -26.24
CA ALA C 28 15.46 5.79 -26.96
C ALA C 28 14.93 6.85 -25.99
N THR C 29 14.24 6.40 -24.95
CA THR C 29 13.73 7.33 -23.95
C THR C 29 14.90 8.03 -23.26
N ARG C 30 15.89 7.23 -22.88
CA ARG C 30 17.07 7.70 -22.19
C ARG C 30 17.80 8.75 -23.00
N LYS C 31 18.08 8.44 -24.27
CA LYS C 31 18.88 9.31 -25.11
C LYS C 31 18.18 10.65 -25.38
N ILE C 32 16.85 10.64 -25.45
CA ILE C 32 16.10 11.89 -25.58
C ILE C 32 16.09 12.64 -24.24
N ALA C 33 15.70 11.94 -23.17
CA ALA C 33 15.53 12.60 -21.87
C ALA C 33 16.81 13.23 -21.31
N VAL C 34 17.96 12.64 -21.62
CA VAL C 34 19.22 13.17 -21.09
C VAL C 34 19.53 14.56 -21.67
N ARG C 35 18.90 14.89 -22.79
CA ARG C 35 19.15 16.18 -23.44
C ARG C 35 18.39 17.34 -22.79
N LEU C 36 17.39 17.01 -21.99
CA LEU C 36 16.35 17.97 -21.65
C LEU C 36 16.42 18.52 -20.24
N THR C 37 16.04 19.78 -20.13
CA THR C 37 15.91 20.45 -18.85
CA THR C 37 15.90 20.41 -18.82
C THR C 37 14.51 20.16 -18.30
N PHE C 38 14.34 20.15 -16.98
CA PHE C 38 12.96 20.11 -16.56
C PHE C 38 12.71 21.02 -15.36
N THR C 39 11.43 21.25 -15.10
CA THR C 39 10.98 22.13 -14.05
C THR C 39 10.32 21.31 -12.96
N GLU C 40 10.60 21.64 -11.70
CA GLU C 40 9.94 20.95 -10.60
C GLU C 40 8.96 21.91 -9.93
N VAL C 41 7.70 21.53 -9.80
CA VAL C 41 6.72 22.37 -9.10
C VAL C 41 6.25 21.63 -7.85
N ILE C 42 6.43 22.25 -6.70
CA ILE C 42 6.13 21.58 -5.44
C ILE C 42 5.13 22.38 -4.62
N ASP C 43 4.10 21.69 -4.13
CA ASP C 43 3.18 22.28 -3.18
CA ASP C 43 3.17 22.28 -3.18
C ASP C 43 3.27 21.52 -1.87
N GLN C 44 3.58 22.24 -0.80
CA GLN C 44 3.85 21.67 0.50
C GLN C 44 2.97 22.30 1.57
N ASP C 45 2.21 21.47 2.29
CA ASP C 45 1.37 21.95 3.38
C ASP C 45 1.46 20.96 4.52
N GLY C 46 2.21 21.31 5.56
CA GLY C 46 2.49 20.36 6.63
C GLY C 46 3.19 19.13 6.09
N ASP C 47 2.61 17.95 6.33
CA ASP C 47 3.17 16.70 5.82
C ASP C 47 2.84 16.43 4.38
N ASN C 48 1.89 17.19 3.83
CA ASN C 48 1.33 16.86 2.54
C ASN C 48 2.07 17.53 1.38
N PHE C 49 2.68 16.71 0.53
CA PHE C 49 3.42 17.18 -0.64
C PHE C 49 2.72 16.79 -1.94
N LYS C 50 2.68 17.70 -2.90
CA LYS C 50 2.30 17.35 -4.27
C LYS C 50 3.41 17.86 -5.20
N THR C 51 4.07 16.96 -5.93
CA THR C 51 5.20 17.37 -6.76
C THR C 51 4.93 17.05 -8.23
N LYS C 52 5.43 17.91 -9.12
CA LYS C 52 5.22 17.73 -10.55
C LYS C 52 6.50 18.09 -11.28
N ALA C 53 7.13 17.09 -11.90
CA ALA C 53 8.30 17.35 -12.74
C ALA C 53 7.84 17.34 -14.19
N THR C 54 8.28 18.35 -14.95
CA THR C 54 7.81 18.53 -16.30
C THR C 54 8.94 18.91 -17.24
N SER C 55 9.00 18.22 -18.38
CA SER C 55 9.83 18.65 -19.48
C SER C 55 8.95 18.64 -20.70
N THR C 56 9.55 18.87 -21.87
CA THR C 56 8.79 18.82 -23.11
C THR C 56 8.51 17.39 -23.61
N PHE C 57 8.94 16.38 -22.86
CA PHE C 57 8.92 15.00 -23.36
C PHE C 57 8.33 14.01 -22.34
N TRP C 58 8.40 14.35 -21.07
CA TRP C 58 7.90 13.46 -20.05
C TRP C 58 7.44 14.26 -18.85
N ASN C 59 6.43 13.73 -18.16
CA ASN C 59 5.98 14.30 -16.89
C ASN C 59 5.98 13.21 -15.82
N TYR C 60 6.35 13.60 -14.60
CA TYR C 60 6.34 12.66 -13.49
C TYR C 60 5.76 13.35 -12.25
N ASP C 61 4.53 12.99 -11.91
CA ASP C 61 3.87 13.54 -10.73
C ASP C 61 3.87 12.54 -9.59
N VAL C 62 4.11 13.01 -8.37
CA VAL C 62 3.94 12.16 -7.20
C VAL C 62 3.51 13.00 -6.01
N ASP C 63 2.52 12.50 -5.28
CA ASP C 63 2.06 13.11 -4.05
C ASP C 63 2.40 12.17 -2.92
N PHE C 64 2.68 12.71 -1.75
CA PHE C 64 2.94 11.89 -0.57
C PHE C 64 2.71 12.65 0.72
N THR C 65 2.62 11.89 1.82
CA THR C 65 2.49 12.46 3.15
C THR C 65 3.71 12.02 3.92
N VAL C 66 4.48 12.98 4.44
CA VAL C 66 5.68 12.66 5.19
C VAL C 66 5.29 11.72 6.34
N GLY C 67 6.05 10.65 6.51
CA GLY C 67 5.83 9.73 7.64
C GLY C 67 4.87 8.58 7.36
N VAL C 68 4.32 8.54 6.17
CA VAL C 68 3.35 7.50 5.81
C VAL C 68 3.86 6.71 4.62
N GLU C 69 4.09 5.42 4.83
CA GLU C 69 4.56 4.56 3.75
C GLU C 69 3.44 4.40 2.73
N PHE C 70 3.81 4.35 1.46
CA PHE C 70 2.79 4.15 0.43
C PHE C 70 3.34 3.26 -0.68
N ASP C 71 2.46 2.42 -1.22
CA ASP C 71 2.81 1.58 -2.36
C ASP C 71 2.80 2.44 -3.60
N GLU C 72 3.83 2.30 -4.40
CA GLU C 72 4.01 3.16 -5.54
C GLU C 72 4.30 2.32 -6.77
N TYR C 73 3.56 2.59 -7.84
CA TYR C 73 3.85 2.02 -9.14
C TYR C 73 4.49 3.13 -9.97
N THR C 74 5.72 2.91 -10.43
CA THR C 74 6.47 4.01 -11.03
C THR C 74 6.22 4.06 -12.53
N LYS C 75 4.93 4.00 -12.85
CA LYS C 75 4.32 4.20 -14.16
C LYS C 75 5.21 4.78 -15.26
N SER C 76 5.32 6.10 -15.30
CA SER C 76 5.99 6.77 -16.40
C SER C 76 7.52 6.78 -16.29
N LEU C 77 8.06 6.03 -15.33
CA LEU C 77 9.51 5.95 -15.17
C LEU C 77 10.00 4.57 -15.60
N ASP C 78 10.22 3.67 -14.64
CA ASP C 78 10.71 2.32 -14.95
C ASP C 78 9.65 1.26 -14.77
N ASN C 79 8.43 1.68 -14.43
CA ASN C 79 7.29 0.77 -14.31
C ASN C 79 7.51 -0.38 -13.32
N ARG C 80 7.86 -0.03 -12.09
CA ARG C 80 8.04 -1.03 -11.04
C ARG C 80 7.21 -0.70 -9.81
N HIS C 81 6.96 -1.73 -9.00
CA HIS C 81 6.32 -1.52 -7.70
C HIS C 81 7.36 -1.31 -6.60
N VAL C 82 7.19 -0.24 -5.82
CA VAL C 82 8.07 0.01 -4.68
C VAL C 82 7.24 0.42 -3.49
N LYS C 83 7.79 0.21 -2.29
CA LYS C 83 7.19 0.76 -1.09
C LYS C 83 8.00 1.99 -0.72
N ALA C 84 7.35 3.15 -0.84
CA ALA C 84 8.02 4.43 -0.64
C ALA C 84 7.72 5.04 0.70
N LEU C 85 8.72 5.71 1.26
CA LEU C 85 8.56 6.39 2.54
C LEU C 85 9.42 7.64 2.52
N VAL C 86 8.80 8.78 2.80
CA VAL C 86 9.49 10.06 2.88
C VAL C 86 9.50 10.58 4.30
N THR C 87 10.67 10.92 4.80
CA THR C 87 10.83 11.41 6.18
C THR C 87 11.83 12.56 6.26
N TRP C 88 11.90 13.21 7.43
CA TRP C 88 12.84 14.32 7.64
C TRP C 88 14.09 13.82 8.35
N GLU C 89 15.25 14.25 7.86
CA GLU C 89 16.50 14.11 8.61
C GLU C 89 17.04 15.52 8.76
N GLY C 90 16.69 16.16 9.88
CA GLY C 90 16.96 17.57 10.04
C GLY C 90 16.18 18.32 9.00
N ASP C 91 16.87 19.08 8.17
CA ASP C 91 16.22 19.88 7.14
C ASP C 91 16.18 19.17 5.78
N VAL C 92 16.68 17.95 5.75
CA VAL C 92 16.72 17.18 4.50
C VAL C 92 15.53 16.23 4.36
N LEU C 93 14.88 16.27 3.20
CA LEU C 93 13.76 15.38 2.93
C LEU C 93 14.31 14.11 2.29
N VAL C 94 14.01 12.96 2.89
CA VAL C 94 14.64 11.71 2.49
C VAL C 94 13.60 10.69 2.06
N CYS C 95 13.79 10.12 0.87
CA CYS C 95 12.86 9.13 0.36
C CYS C 95 13.56 7.81 0.15
N VAL C 96 13.02 6.74 0.74
CA VAL C 96 13.51 5.41 0.44
C VAL C 96 12.41 4.62 -0.28
N GLN C 97 12.79 4.00 -1.39
CA GLN C 97 11.88 3.20 -2.20
C GLN C 97 12.34 1.76 -2.18
N LYS C 98 11.71 1.00 -1.29
CA LYS C 98 12.06 -0.41 -1.07
C LYS C 98 11.53 -1.25 -2.22
N GLY C 99 12.37 -2.12 -2.76
CA GLY C 99 11.96 -3.00 -3.82
C GLY C 99 13.13 -3.70 -4.45
N GLU C 100 13.03 -3.95 -5.76
CA GLU C 100 14.02 -4.77 -6.47
C GLU C 100 15.38 -4.10 -6.55
N LYS C 101 15.40 -2.79 -6.67
CA LYS C 101 16.65 -2.05 -6.76
C LYS C 101 17.20 -1.69 -5.38
N GLU C 102 18.51 -1.88 -5.20
CA GLU C 102 19.17 -1.46 -3.97
C GLU C 102 19.42 0.05 -4.00
N ASN C 103 19.51 0.64 -2.80
CA ASN C 103 19.85 2.07 -2.63
C ASN C 103 19.00 2.98 -3.47
N ARG C 104 17.72 2.64 -3.61
CA ARG C 104 16.87 3.43 -4.48
C ARG C 104 16.13 4.45 -3.68
N GLY C 105 16.18 5.71 -4.13
CA GLY C 105 15.43 6.75 -3.45
C GLY C 105 15.96 8.11 -3.83
N TRP C 106 15.72 9.08 -2.96
CA TRP C 106 16.25 10.42 -3.22
C TRP C 106 16.36 11.26 -1.94
N LYS C 107 17.09 12.36 -2.06
CA LYS C 107 17.19 13.35 -0.98
C LYS C 107 16.98 14.71 -1.58
N LYS C 108 16.18 15.55 -0.92
CA LYS C 108 15.99 16.94 -1.34
C LYS C 108 16.31 17.89 -0.20
N TRP C 109 16.95 19.02 -0.50
CA TRP C 109 17.20 20.05 0.50
C TRP C 109 17.36 21.42 -0.14
N ILE C 110 17.29 22.46 0.67
CA ILE C 110 17.44 23.84 0.21
C ILE C 110 18.73 24.45 0.71
N GLU C 111 19.45 25.14 -0.17
CA GLU C 111 20.53 26.02 0.24
C GLU C 111 20.30 27.32 -0.49
N GLY C 112 20.13 28.40 0.27
CA GLY C 112 19.89 29.70 -0.34
C GLY C 112 18.61 29.72 -1.15
N ASP C 113 18.72 30.15 -2.40
CA ASP C 113 17.57 30.21 -3.28
C ASP C 113 17.47 28.96 -4.14
N LYS C 114 18.14 27.89 -3.73
CA LYS C 114 18.25 26.73 -4.59
C LYS C 114 17.77 25.42 -3.98
N LEU C 115 17.17 24.59 -4.81
CA LEU C 115 16.76 23.26 -4.45
C LEU C 115 17.78 22.25 -4.96
N TYR C 116 18.23 21.37 -4.07
CA TYR C 116 19.18 20.31 -4.41
C TYR C 116 18.49 18.95 -4.36
N LEU C 117 18.68 18.15 -5.40
CA LEU C 117 18.06 16.83 -5.48
C LEU C 117 19.14 15.79 -5.71
N GLU C 118 19.12 14.73 -4.92
CA GLU C 118 20.07 13.66 -5.11
C GLU C 118 19.28 12.39 -5.39
N LEU C 119 19.38 11.87 -6.62
CA LEU C 119 18.65 10.66 -7.02
C LEU C 119 19.57 9.46 -6.98
N THR C 120 19.19 8.39 -6.29
CA THR C 120 20.06 7.23 -6.19
CA THR C 120 20.05 7.23 -6.17
C THR C 120 19.37 5.94 -6.65
N CYS C 121 20.16 5.10 -7.30
CA CYS C 121 19.72 3.78 -7.71
C CYS C 121 20.97 2.94 -7.91
N GLY C 122 21.07 1.83 -7.19
CA GLY C 122 22.24 0.99 -7.30
C GLY C 122 23.50 1.71 -6.88
N ASP C 123 24.50 1.65 -7.75
CA ASP C 123 25.75 2.34 -7.50
C ASP C 123 25.75 3.73 -8.16
N GLN C 124 24.59 4.19 -8.62
CA GLN C 124 24.54 5.47 -9.36
C GLN C 124 23.90 6.59 -8.55
N VAL C 125 24.48 7.79 -8.66
CA VAL C 125 23.93 8.98 -8.03
C VAL C 125 23.80 10.09 -9.07
N CYS C 126 22.60 10.64 -9.22
CA CYS C 126 22.40 11.81 -10.06
C CYS C 126 22.17 12.99 -9.14
N ARG C 127 22.78 14.13 -9.46
CA ARG C 127 22.64 15.32 -8.65
C ARG C 127 22.09 16.46 -9.48
N GLN C 128 21.03 17.08 -8.98
CA GLN C 128 20.40 18.18 -9.69
C GLN C 128 20.30 19.42 -8.82
N VAL C 129 20.40 20.58 -9.45
CA VAL C 129 20.21 21.84 -8.75
C VAL C 129 19.19 22.68 -9.51
N PHE C 130 18.25 23.27 -8.77
CA PHE C 130 17.17 24.10 -9.33
C PHE C 130 17.16 25.46 -8.68
N LYS C 131 16.85 26.49 -9.44
CA LYS C 131 16.72 27.83 -8.89
C LYS C 131 15.24 28.24 -8.76
N LYS C 132 14.88 28.87 -7.64
CA LYS C 132 13.48 29.21 -7.41
C LYS C 132 13.03 30.35 -8.32
N LYS C 133 11.87 30.18 -8.94
CA LYS C 133 11.34 31.20 -9.83
C LYS C 133 10.69 32.32 -9.03
N THR D 1 -4.47 11.93 -9.55
CA THR D 1 -5.93 11.94 -9.60
C THR D 1 -6.49 10.57 -9.94
N ARG D 2 -7.66 10.26 -9.38
CA ARG D 2 -8.43 9.07 -9.75
C ARG D 2 -9.61 9.45 -10.63
N ASP D 3 -9.58 10.67 -11.17
CA ASP D 3 -10.69 11.18 -11.96
C ASP D 3 -10.30 11.18 -13.43
N PHE D 4 -10.83 10.21 -14.18
CA PHE D 4 -10.50 10.01 -15.59
C PHE D 4 -11.52 10.63 -16.54
N ASN D 5 -12.45 11.43 -16.01
CA ASN D 5 -13.49 12.05 -16.84
C ASN D 5 -12.89 12.89 -17.95
N GLY D 6 -13.55 12.90 -19.11
CA GLY D 6 -13.12 13.78 -20.17
C GLY D 6 -13.18 13.18 -21.57
N THR D 7 -12.92 14.03 -22.54
CA THR D 7 -12.74 13.60 -23.93
C THR D 7 -11.24 13.60 -24.20
N TRP D 8 -10.71 12.43 -24.53
CA TRP D 8 -9.27 12.20 -24.61
C TRP D 8 -8.86 11.88 -26.05
N GLU D 9 -7.96 12.68 -26.61
CA GLU D 9 -7.50 12.46 -27.99
C GLU D 9 -6.10 11.88 -28.04
N MET D 10 -5.95 10.80 -28.79
CA MET D 10 -4.68 10.10 -28.82
C MET D 10 -3.58 10.95 -29.47
N GLU D 11 -2.42 10.98 -28.81
CA GLU D 11 -1.28 11.70 -29.35
C GLU D 11 -0.10 10.77 -29.65
N SER D 12 -0.11 9.58 -29.07
CA SER D 12 0.94 8.62 -29.37
CA SER D 12 0.99 8.63 -29.27
C SER D 12 0.49 7.20 -29.11
N ASN D 13 1.08 6.27 -29.85
CA ASN D 13 0.72 4.88 -29.75
C ASN D 13 1.94 4.04 -30.08
N GLU D 14 2.41 3.29 -29.10
CA GLU D 14 3.63 2.49 -29.24
C GLU D 14 3.31 0.99 -29.24
N ASN D 15 3.85 0.28 -30.23
CA ASN D 15 3.68 -1.17 -30.33
C ASN D 15 2.22 -1.67 -30.41
N PHE D 16 1.32 -0.89 -31.01
CA PHE D 16 -0.04 -1.35 -31.21
C PHE D 16 -0.07 -2.63 -32.05
N GLU D 17 0.80 -2.67 -33.06
CA GLU D 17 0.93 -3.82 -33.94
C GLU D 17 1.28 -5.08 -33.16
N GLY D 18 2.25 -4.97 -32.27
CA GLY D 18 2.68 -6.11 -31.47
C GLY D 18 1.56 -6.66 -30.63
N TRP D 19 0.82 -5.77 -29.98
CA TRP D 19 -0.31 -6.17 -29.14
C TRP D 19 -1.39 -6.85 -29.99
N MET D 20 -1.76 -6.26 -31.13
CA MET D 20 -2.78 -6.86 -31.99
C MET D 20 -2.35 -8.25 -32.47
N LYS D 21 -1.08 -8.38 -32.82
CA LYS D 21 -0.54 -9.64 -33.29
C LYS D 21 -0.60 -10.71 -32.19
N ALA D 22 -0.39 -10.28 -30.95
CA ALA D 22 -0.45 -11.21 -29.82
C ALA D 22 -1.88 -11.70 -29.57
N LEU D 23 -2.86 -10.97 -30.10
CA LEU D 23 -4.26 -11.34 -29.99
C LEU D 23 -4.70 -12.14 -31.20
N ASP D 24 -3.76 -12.40 -32.09
CA ASP D 24 -3.97 -13.17 -33.34
C ASP D 24 -4.89 -12.48 -34.33
N ILE D 25 -4.92 -11.15 -34.29
CA ILE D 25 -5.61 -10.38 -35.31
C ILE D 25 -4.84 -10.54 -36.63
N ASP D 26 -5.53 -10.90 -37.71
CA ASP D 26 -4.82 -11.27 -38.94
C ASP D 26 -4.17 -10.07 -39.60
N PHE D 27 -3.14 -10.33 -40.40
CA PHE D 27 -2.29 -9.30 -40.99
C PHE D 27 -3.08 -8.25 -41.73
N ALA D 28 -4.07 -8.69 -42.51
CA ALA D 28 -4.83 -7.78 -43.36
C ALA D 28 -5.64 -6.81 -42.51
N THR D 29 -6.22 -7.31 -41.43
CA THR D 29 -6.97 -6.46 -40.51
C THR D 29 -6.06 -5.48 -39.78
N ARG D 30 -4.89 -5.95 -39.35
CA ARG D 30 -3.95 -5.08 -38.64
C ARG D 30 -3.54 -3.88 -39.47
N LYS D 31 -3.29 -4.08 -40.77
CA LYS D 31 -2.83 -2.99 -41.62
C LYS D 31 -3.88 -1.87 -41.71
N ILE D 32 -5.16 -2.25 -41.67
CA ILE D 32 -6.23 -1.26 -41.73
C ILE D 32 -6.89 -0.97 -40.37
N ALA D 33 -6.37 -1.56 -39.29
CA ALA D 33 -6.91 -1.30 -37.96
C ALA D 33 -5.95 -0.48 -37.10
N VAL D 34 -4.81 -0.08 -37.64
CA VAL D 34 -3.85 0.67 -36.84
C VAL D 34 -4.43 2.03 -36.42
N ARG D 35 -4.27 2.31 -35.14
CA ARG D 35 -5.00 3.36 -34.43
C ARG D 35 -4.10 4.57 -34.19
N LEU D 36 -4.40 5.70 -34.84
CA LEU D 36 -3.56 6.88 -34.68
C LEU D 36 -4.36 8.10 -34.28
N THR D 37 -5.42 8.38 -35.04
CA THR D 37 -6.41 9.36 -34.61
C THR D 37 -7.54 8.56 -33.97
N PHE D 38 -7.73 8.79 -32.67
CA PHE D 38 -8.57 7.94 -31.85
C PHE D 38 -9.03 8.71 -30.64
N THR D 39 -10.33 8.70 -30.37
CA THR D 39 -10.85 9.44 -29.23
C THR D 39 -11.52 8.53 -28.19
N GLU D 40 -11.24 8.80 -26.92
CA GLU D 40 -11.92 8.11 -25.83
C GLU D 40 -12.71 9.11 -25.01
N VAL D 41 -14.02 8.93 -24.92
CA VAL D 41 -14.86 9.74 -24.06
C VAL D 41 -15.17 8.93 -22.82
N ILE D 42 -14.72 9.43 -21.67
CA ILE D 42 -14.92 8.71 -20.41
C ILE D 42 -15.89 9.49 -19.56
N ASP D 43 -16.93 8.78 -19.09
CA ASP D 43 -17.94 9.30 -18.18
C ASP D 43 -17.80 8.49 -16.88
N GLN D 44 -17.26 9.12 -15.84
CA GLN D 44 -16.98 8.42 -14.58
C GLN D 44 -17.74 9.03 -13.42
N ASP D 45 -18.50 8.19 -12.72
CA ASP D 45 -19.24 8.61 -11.55
C ASP D 45 -19.04 7.57 -10.46
N GLY D 46 -18.14 7.88 -9.52
CA GLY D 46 -17.77 6.92 -8.51
C GLY D 46 -17.14 5.72 -9.18
N ASP D 47 -17.69 4.53 -8.91
CA ASP D 47 -17.19 3.29 -9.54
C ASP D 47 -17.68 3.08 -10.94
N ASN D 48 -18.67 3.85 -11.37
CA ASN D 48 -19.33 3.58 -12.65
C ASN D 48 -18.65 4.29 -13.81
N PHE D 49 -18.10 3.47 -14.70
CA PHE D 49 -17.44 3.98 -15.90
C PHE D 49 -18.27 3.69 -17.12
N LYS D 50 -18.45 4.70 -17.96
CA LYS D 50 -19.02 4.50 -19.27
C LYS D 50 -18.05 5.13 -20.24
N THR D 51 -17.47 4.31 -21.12
CA THR D 51 -16.48 4.84 -22.05
C THR D 51 -16.91 4.60 -23.50
N LYS D 52 -16.76 5.63 -24.33
CA LYS D 52 -17.05 5.53 -25.75
C LYS D 52 -15.78 5.78 -26.56
N ALA D 53 -15.43 4.86 -27.44
CA ALA D 53 -14.25 5.02 -28.31
C ALA D 53 -14.70 5.29 -29.74
N THR D 54 -14.05 6.25 -30.39
CA THR D 54 -14.39 6.54 -31.78
C THR D 54 -13.15 6.77 -32.63
N SER D 55 -13.25 6.31 -33.87
CA SER D 55 -12.20 6.44 -34.86
C SER D 55 -12.80 5.91 -36.15
N THR D 56 -11.99 5.84 -37.20
CA THR D 56 -12.46 5.28 -38.48
C THR D 56 -12.75 3.76 -38.38
N PHE D 57 -11.83 3.01 -37.78
CA PHE D 57 -12.00 1.55 -37.71
C PHE D 57 -12.65 1.10 -36.40
N TRP D 58 -12.23 1.70 -35.30
CA TRP D 58 -12.72 1.28 -33.99
C TRP D 58 -13.84 2.19 -33.47
N ASN D 59 -15.00 1.62 -33.23
CA ASN D 59 -16.12 2.37 -32.65
C ASN D 59 -16.90 1.48 -31.69
N TYR D 60 -16.67 1.64 -30.40
CA TYR D 60 -17.32 0.76 -29.43
C TYR D 60 -17.56 1.44 -28.08
N ASP D 61 -18.30 0.76 -27.22
CA ASP D 61 -18.49 1.21 -25.85
C ASP D 61 -18.07 0.12 -24.89
N VAL D 62 -17.48 0.50 -23.77
CA VAL D 62 -17.29 -0.46 -22.70
CA VAL D 62 -17.21 -0.43 -22.69
C VAL D 62 -17.66 0.21 -21.39
N ASP D 63 -18.59 -0.44 -20.69
CA ASP D 63 -19.05 0.04 -19.40
C ASP D 63 -18.64 -0.97 -18.36
N PHE D 64 -18.31 -0.49 -17.18
CA PHE D 64 -18.00 -1.39 -16.08
C PHE D 64 -18.14 -0.65 -14.78
N THR D 65 -18.22 -1.43 -13.71
CA THR D 65 -18.23 -0.88 -12.37
C THR D 65 -16.97 -1.35 -11.66
N VAL D 66 -16.15 -0.41 -11.18
CA VAL D 66 -14.92 -0.78 -10.49
C VAL D 66 -15.28 -1.70 -9.32
N GLY D 67 -14.56 -2.81 -9.21
CA GLY D 67 -14.74 -3.75 -8.11
C GLY D 67 -15.77 -4.83 -8.33
N VAL D 68 -16.39 -4.83 -9.51
CA VAL D 68 -17.42 -5.80 -9.83
C VAL D 68 -16.98 -6.63 -11.03
N GLU D 69 -16.80 -7.93 -10.82
CA GLU D 69 -16.37 -8.82 -11.91
CA GLU D 69 -16.37 -8.82 -11.91
C GLU D 69 -17.47 -8.90 -12.98
N PHE D 70 -17.06 -9.03 -14.24
CA PHE D 70 -18.06 -9.20 -15.28
C PHE D 70 -17.50 -10.08 -16.39
N ASP D 71 -18.35 -10.96 -16.89
CA ASP D 71 -17.98 -11.75 -18.06
C ASP D 71 -18.06 -10.91 -19.32
N GLU D 72 -17.10 -11.10 -20.20
CA GLU D 72 -16.95 -10.24 -21.35
C GLU D 72 -16.69 -11.07 -22.59
N TYR D 73 -17.37 -10.74 -23.68
CA TYR D 73 -17.04 -11.25 -24.99
C TYR D 73 -16.35 -10.10 -25.74
N THR D 74 -15.20 -10.35 -26.34
CA THR D 74 -14.41 -9.21 -26.82
C THR D 74 -14.81 -8.78 -28.23
N LYS D 75 -15.88 -9.38 -28.74
CA LYS D 75 -16.56 -8.87 -29.94
C LYS D 75 -15.62 -8.75 -31.12
N SER D 76 -15.62 -7.63 -31.83
CA SER D 76 -14.90 -7.58 -33.10
C SER D 76 -13.39 -7.42 -32.92
N LEU D 77 -12.93 -7.28 -31.69
CA LEU D 77 -11.49 -7.28 -31.45
C LEU D 77 -10.94 -8.67 -31.80
N ASP D 78 -11.09 -9.63 -30.90
CA ASP D 78 -10.60 -10.97 -31.16
C ASP D 78 -11.60 -12.09 -30.81
N ASN D 79 -12.86 -11.73 -30.63
CA ASN D 79 -13.93 -12.74 -30.49
C ASN D 79 -13.67 -13.81 -29.43
N ARG D 80 -13.27 -13.39 -28.23
CA ARG D 80 -12.98 -14.34 -27.14
C ARG D 80 -13.78 -14.03 -25.89
N HIS D 81 -13.96 -15.05 -25.05
CA HIS D 81 -14.61 -14.86 -23.75
C HIS D 81 -13.57 -14.67 -22.67
N VAL D 82 -13.73 -13.62 -21.87
CA VAL D 82 -12.87 -13.42 -20.71
C VAL D 82 -13.69 -13.02 -19.49
N LYS D 83 -13.09 -13.22 -18.32
CA LYS D 83 -13.66 -12.76 -17.07
C LYS D 83 -12.89 -11.52 -16.68
N ALA D 84 -13.56 -10.37 -16.67
CA ALA D 84 -12.87 -9.11 -16.46
C ALA D 84 -13.15 -8.49 -15.09
N LEU D 85 -12.14 -7.80 -14.58
CA LEU D 85 -12.23 -7.11 -13.30
C LEU D 85 -11.38 -5.84 -13.35
N VAL D 86 -11.98 -4.71 -12.99
CA VAL D 86 -11.27 -3.42 -12.97
C VAL D 86 -11.20 -2.95 -11.53
N THR D 87 -10.00 -2.64 -11.05
CA THR D 87 -9.81 -2.25 -9.66
C THR D 87 -8.73 -1.16 -9.59
N TRP D 88 -8.55 -0.58 -8.41
CA TRP D 88 -7.54 0.45 -8.22
C TRP D 88 -6.27 -0.11 -7.58
N GLU D 89 -5.12 0.25 -8.14
CA GLU D 89 -3.85 0.09 -7.45
C GLU D 89 -3.27 1.48 -7.28
N GLY D 90 -3.45 2.05 -6.09
CA GLY D 90 -3.15 3.44 -5.87
C GLY D 90 -4.04 4.24 -6.81
N ASP D 91 -3.43 5.09 -7.64
CA ASP D 91 -4.21 5.87 -8.60
C ASP D 91 -4.15 5.29 -10.02
N VAL D 92 -3.69 4.05 -10.14
CA VAL D 92 -3.65 3.33 -11.42
C VAL D 92 -4.88 2.44 -11.50
N LEU D 93 -5.64 2.57 -12.58
CA LEU D 93 -6.82 1.75 -12.81
C LEU D 93 -6.37 0.52 -13.57
N VAL D 94 -6.65 -0.65 -13.01
CA VAL D 94 -6.07 -1.90 -13.48
C VAL D 94 -7.16 -2.86 -13.91
N CYS D 95 -7.06 -3.36 -15.14
CA CYS D 95 -8.02 -4.33 -15.63
C CYS D 95 -7.33 -5.65 -15.90
N VAL D 96 -7.86 -6.73 -15.34
CA VAL D 96 -7.38 -8.06 -15.67
CA VAL D 96 -7.39 -8.07 -15.65
C VAL D 96 -8.48 -8.84 -16.39
N GLN D 97 -8.14 -9.35 -17.56
CA GLN D 97 -9.08 -10.17 -18.34
C GLN D 97 -8.62 -11.62 -18.32
N LYS D 98 -9.21 -12.42 -17.43
CA LYS D 98 -8.84 -13.83 -17.30
C LYS D 98 -9.42 -14.67 -18.43
N GLY D 99 -8.57 -15.46 -19.07
CA GLY D 99 -9.01 -16.30 -20.17
C GLY D 99 -7.84 -17.00 -20.82
N GLU D 100 -7.92 -17.20 -22.14
CA GLU D 100 -6.92 -17.99 -22.85
C GLU D 100 -5.56 -17.31 -22.89
N LYS D 101 -5.55 -15.99 -23.04
CA LYS D 101 -4.30 -15.25 -23.09
C LYS D 101 -3.78 -14.92 -21.69
N GLU D 102 -2.49 -15.11 -21.45
CA GLU D 102 -1.92 -14.70 -20.15
C GLU D 102 -1.59 -13.22 -20.17
N ASN D 103 -1.46 -12.64 -18.97
CA ASN D 103 -1.14 -11.24 -18.79
C ASN D 103 -1.97 -10.33 -19.67
N ARG D 104 -3.25 -10.68 -19.82
CA ARG D 104 -4.15 -9.89 -20.65
C ARG D 104 -4.92 -8.88 -19.82
N GLY D 105 -4.90 -7.63 -20.27
CA GLY D 105 -5.62 -6.57 -19.58
C GLY D 105 -5.02 -5.21 -19.90
N TRP D 106 -5.24 -4.25 -19.02
CA TRP D 106 -4.67 -2.93 -19.22
C TRP D 106 -4.50 -2.17 -17.92
N LYS D 107 -3.77 -1.06 -18.01
CA LYS D 107 -3.58 -0.15 -16.89
C LYS D 107 -3.75 1.27 -17.38
N LYS D 108 -4.46 2.10 -16.63
CA LYS D 108 -4.64 3.50 -17.04
C LYS D 108 -4.27 4.44 -15.91
N TRP D 109 -3.71 5.60 -16.23
CA TRP D 109 -3.37 6.55 -15.20
C TRP D 109 -3.20 7.91 -15.81
N ILE D 110 -3.21 8.94 -14.95
CA ILE D 110 -3.07 10.32 -15.41
C ILE D 110 -1.72 10.88 -14.98
N GLU D 111 -1.05 11.58 -15.90
CA GLU D 111 0.14 12.36 -15.57
C GLU D 111 -0.03 13.70 -16.22
N GLY D 112 -0.06 14.78 -15.43
CA GLY D 112 -0.33 16.08 -15.99
C GLY D 112 -1.74 16.11 -16.56
N ASP D 113 -1.91 16.67 -17.76
CA ASP D 113 -3.21 16.61 -18.40
C ASP D 113 -3.19 15.54 -19.48
N LYS D 114 -2.45 14.47 -19.22
CA LYS D 114 -2.36 13.37 -20.15
C LYS D 114 -2.81 12.06 -19.54
N LEU D 115 -3.55 11.29 -20.32
CA LEU D 115 -4.00 9.96 -19.92
CA LEU D 115 -3.99 9.97 -19.92
C LEU D 115 -3.08 8.93 -20.55
N TYR D 116 -2.59 8.00 -19.73
CA TYR D 116 -1.73 6.91 -20.19
C TYR D 116 -2.47 5.58 -20.11
N LEU D 117 -2.36 4.81 -21.17
CA LEU D 117 -3.00 3.51 -21.25
C LEU D 117 -1.95 2.48 -21.65
N GLU D 118 -1.81 1.45 -20.85
CA GLU D 118 -0.92 0.34 -21.16
C GLU D 118 -1.79 -0.86 -21.52
N LEU D 119 -1.69 -1.38 -22.73
CA LEU D 119 -2.42 -2.60 -23.09
C LEU D 119 -1.47 -3.80 -23.05
N THR D 120 -1.85 -4.85 -22.34
CA THR D 120 -0.98 -6.03 -22.31
C THR D 120 -1.64 -7.30 -22.82
N CYS D 121 -0.84 -8.16 -23.44
CA CYS D 121 -1.26 -9.48 -23.85
C CYS D 121 -0.01 -10.31 -24.01
N GLY D 122 0.07 -11.43 -23.31
CA GLY D 122 1.25 -12.27 -23.36
C GLY D 122 2.47 -11.49 -22.93
N ASP D 123 3.47 -11.44 -23.80
CA ASP D 123 4.67 -10.67 -23.51
C ASP D 123 4.72 -9.37 -24.29
N GLN D 124 3.58 -8.96 -24.86
CA GLN D 124 3.52 -7.69 -25.59
C GLN D 124 2.94 -6.59 -24.70
N VAL D 125 3.51 -5.41 -24.82
CA VAL D 125 2.99 -4.24 -24.14
C VAL D 125 2.82 -3.14 -25.16
N CYS D 126 1.62 -2.56 -25.22
CA CYS D 126 1.35 -1.39 -26.06
C CYS D 126 1.09 -0.20 -25.16
N ARG D 127 1.69 0.94 -25.49
CA ARG D 127 1.55 2.11 -24.63
C ARG D 127 0.97 3.27 -25.42
N GLN D 128 -0.11 3.85 -24.89
CA GLN D 128 -0.80 4.93 -25.61
C GLN D 128 -0.95 6.13 -24.72
N VAL D 129 -0.86 7.34 -25.30
CA VAL D 129 -0.99 8.55 -24.51
C VAL D 129 -2.03 9.45 -25.15
N PHE D 130 -2.86 10.06 -24.33
CA PHE D 130 -3.97 10.89 -24.82
C PHE D 130 -3.87 12.26 -24.18
N LYS D 131 -4.23 13.29 -24.94
CA LYS D 131 -4.32 14.63 -24.40
C LYS D 131 -5.78 14.95 -24.10
N LYS D 132 -6.03 15.61 -22.97
CA LYS D 132 -7.41 15.98 -22.67
C LYS D 132 -7.82 17.18 -23.50
N LYS D 133 -8.88 17.01 -24.28
CA LYS D 133 -9.30 18.05 -25.21
C LYS D 133 -10.00 19.20 -24.48
C ACT E . -8.78 -9.42 5.68
O ACT E . -9.54 -10.37 5.94
OXT ACT E . -7.82 -9.28 6.46
CH3 ACT E . -8.99 -8.50 4.51
C11 ZFG F . -9.18 -13.68 13.18
C12 ZFG F . -8.28 -14.04 14.18
C13 ZFG F . -8.45 -15.23 14.88
C14 ZFG F . -9.52 -16.07 14.57
C15 ZFG F . -10.42 -15.71 13.56
C01 ZFG F . -14.61 -11.47 6.81
C02 ZFG F . -14.11 -12.29 8.02
C03 ZFG F . -12.86 -12.13 8.55
C04 ZFG F . -11.89 -11.11 7.96
C05 ZFG F . -12.45 -12.97 9.76
C06 ZFG F . -13.25 -13.89 10.47
C07 ZFG F . -12.57 -14.52 11.60
C08 ZFG F . -11.24 -14.09 11.76
C10 ZFG F . -10.24 -14.52 12.86
C17 ZFG F . -7.84 -16.55 16.92
C18 ZFG F . -6.22 -14.94 15.95
N16 ZFG F . -7.50 -15.58 15.92
S09 ZFG F . -10.95 -12.95 10.56
C ACT G . 11.47 4.88 21.79
O ACT G . 10.89 3.79 21.95
OXT ACT G . 11.32 5.49 20.69
CH3 ACT G . 12.31 5.39 22.89
C11 ZFG H . 9.94 -1.66 29.27
C11 ZFG H . 9.93 -1.63 29.25
C12 ZFG H . 10.85 -1.95 30.30
C12 ZFG H . 10.82 -1.95 30.28
C13 ZFG H . 11.74 -0.99 30.74
C13 ZFG H . 11.74 -1.01 30.73
C14 ZFG H . 11.75 0.27 30.14
C14 ZFG H . 11.77 0.26 30.14
C15 ZFG H . 10.85 0.56 29.12
C15 ZFG H . 10.88 0.58 29.12
C01 ZFG H . 5.96 2.87 22.51
C01 ZFG H . 5.41 2.50 22.73
C02 ZFG H . 6.10 2.02 23.78
C02 ZFG H . 5.95 1.78 23.96
C03 ZFG H . 7.39 1.79 24.22
C03 ZFG H . 7.29 1.71 24.24
C04 ZFG H . 8.54 2.39 23.44
C04 ZFG H . 8.31 2.39 23.33
C05 ZFG H . 7.75 0.97 25.48
C05 ZFG H . 7.74 0.97 25.50
C06 ZFG H . 6.97 0.02 26.16
C06 ZFG H . 6.97 0.04 26.22
C07 ZFG H . 7.65 -0.54 27.33
C07 ZFG H . 7.67 -0.51 27.37
C08 ZFG H . 8.96 -0.04 27.54
C08 ZFG H . 8.98 0.00 27.53
C10 ZFG H . 9.94 -0.40 28.67
C10 ZFG H . 9.96 -0.36 28.67
C17 ZFG H . 13.38 -0.24 32.47
C17 ZFG H . 13.38 -0.31 32.46
C18 ZFG H . 12.91 -2.66 32.20
C18 ZFG H . 12.86 -2.72 32.17
N16 ZFG H . 12.68 -1.30 31.80
N16 ZFG H . 12.66 -1.34 31.79
S09 ZFG H . 9.21 1.09 26.31
S09 ZFG H . 9.23 1.09 26.28
C ACT I . 8.98 9.23 -5.71
O ACT I . 8.47 9.06 -4.58
OXT ACT I . 9.94 10.04 -5.78
CH3 ACT I . 8.51 8.53 -6.92
C11 ZFG J . 11.04 11.40 -13.65
C12 ZFG J . 10.94 10.80 -14.90
C13 ZFG J . 12.00 10.88 -15.80
C14 ZFG J . 13.16 11.55 -15.43
C15 ZFG J . 13.26 12.16 -14.16
C01 ZFG J . 11.30 14.42 -5.64
C02 ZFG J . 11.93 14.53 -7.04
C03 ZFG J . 11.48 13.59 -7.94
C04 ZFG J . 10.41 12.60 -7.47
C05 ZFG J . 11.94 13.49 -9.40
C06 ZFG J . 12.87 14.28 -10.09
C07 ZFG J . 13.05 13.87 -11.48
C08 ZFG J . 12.27 12.75 -11.87
C10 ZFG J . 12.20 12.08 -13.26
C17 ZFG J . 12.88 10.54 -18.10
C18 ZFG J . 10.79 9.38 -17.42
N16 ZFG J . 11.90 10.26 -17.10
S09 ZFG J . 11.38 12.33 -10.51
C ACT K . -12.80 -4.78 -25.94
O ACT K . -12.31 -5.59 -25.13
OXT ACT K . -13.43 -5.28 -26.90
CH3 ACT K . -12.63 -3.30 -25.77
C ACT L . -12.21 -4.10 -21.54
O ACT L . -12.65 -4.79 -22.48
OXT ACT L . -11.24 -3.37 -21.85
CH3 ACT L . -12.79 -4.16 -20.15
#